data_7D5Y
#
_entry.id   7D5Y
#
_cell.length_a   125.307
_cell.length_b   125.307
_cell.length_c   125.307
_cell.angle_alpha   90.00
_cell.angle_beta   90.00
_cell.angle_gamma   90.00
#
_symmetry.space_group_name_H-M   'P 41 3 2'
#
loop_
_entity.id
_entity.type
_entity.pdbx_description
1 polymer MARTX
2 non-polymer GLYCEROL
3 water water
#
_entity_poly.entity_id   1
_entity_poly.type   'polypeptide(L)'
_entity_poly.pdbx_seq_one_letter_code
;WTGATSKADNQNVNDWERVVVTPAVDGGETRFDGQIIVQMENDAVAAKAAANLAGKHPESSVVVQLDSDGNYRVVYGDPS
KLDGKIRWQLVGHGRDHSESNNTRLSGYSADELAVKLASFQQMFNQAEKISSKPDHISIVGCSLVSDDKQKGFGHQFINA
MDANGLRVDVSVRSAKVYINEMGRKLYFDGKDSWVNKAINSKVLLSWNGQ
;
_entity_poly.pdbx_strand_id   A
#
# COMPACT_ATOMS: atom_id res chain seq x y z
N TRP A 1 11.01 14.10 -10.28
CA TRP A 1 9.94 13.25 -9.78
C TRP A 1 9.84 13.34 -8.26
N THR A 2 8.83 14.06 -7.78
CA THR A 2 8.64 14.26 -6.35
C THR A 2 7.25 13.83 -5.88
N GLY A 3 6.70 12.83 -6.55
CA GLY A 3 5.39 12.29 -6.18
C GLY A 3 4.24 13.23 -6.49
N ALA A 4 3.08 12.94 -5.92
CA ALA A 4 1.87 13.72 -6.18
C ALA A 4 1.96 15.14 -5.61
N THR A 5 1.33 16.09 -6.30
CA THR A 5 1.31 17.47 -5.85
C THR A 5 -0.01 17.79 -5.14
N SER A 6 -1.00 16.92 -5.32
CA SER A 6 -2.30 17.08 -4.70
C SER A 6 -2.21 16.87 -3.20
N LYS A 7 -3.28 17.24 -2.49
CA LYS A 7 -3.37 16.92 -1.08
C LYS A 7 -4.02 15.56 -0.93
N ALA A 8 -3.50 14.75 -0.01
CA ALA A 8 -4.04 13.42 0.21
C ALA A 8 -5.44 13.49 0.79
N ASP A 9 -6.39 12.86 0.11
CA ASP A 9 -7.76 12.74 0.61
C ASP A 9 -7.88 11.46 1.42
N ASN A 10 -7.49 11.53 2.69
CA ASN A 10 -7.42 10.34 3.53
C ASN A 10 -8.40 10.36 4.70
N GLN A 11 -9.44 11.19 4.60
CA GLN A 11 -10.43 11.30 5.66
C GLN A 11 -11.78 10.72 5.23
N ASN A 12 -12.61 10.37 6.22
CA ASN A 12 -13.97 9.93 5.99
C ASN A 12 -14.10 8.79 4.98
N VAL A 13 -13.69 7.59 5.41
CA VAL A 13 -13.61 6.44 4.52
C VAL A 13 -14.95 6.06 3.88
N ASN A 14 -16.05 6.36 4.58
CA ASN A 14 -17.38 5.98 4.10
C ASN A 14 -17.81 6.76 2.86
N ASP A 15 -17.05 7.78 2.50
CA ASP A 15 -17.38 8.59 1.33
C ASP A 15 -16.50 8.26 0.12
N TRP A 16 -15.59 7.30 0.28
CA TRP A 16 -14.63 6.98 -0.79
C TRP A 16 -15.27 6.23 -1.94
N GLU A 17 -14.66 6.32 -3.11
CA GLU A 17 -15.10 5.58 -4.29
C GLU A 17 -14.67 4.12 -4.19
N ARG A 18 -15.47 3.23 -4.74
CA ARG A 18 -15.13 1.81 -4.75
C ARG A 18 -14.92 1.32 -6.17
N VAL A 19 -13.94 0.44 -6.35
CA VAL A 19 -13.60 -0.10 -7.65
C VAL A 19 -13.85 -1.61 -7.68
N VAL A 20 -14.44 -2.10 -8.76
CA VAL A 20 -14.70 -3.52 -8.91
C VAL A 20 -13.40 -4.29 -9.16
N VAL A 21 -13.26 -5.43 -8.47
CA VAL A 21 -12.11 -6.30 -8.66
C VAL A 21 -12.41 -7.38 -9.70
N THR A 22 -11.51 -7.53 -10.67
CA THR A 22 -11.66 -8.58 -11.67
C THR A 22 -10.48 -9.55 -11.58
N PRO A 23 -10.79 -10.84 -11.35
CA PRO A 23 -9.77 -11.88 -11.22
C PRO A 23 -8.77 -11.87 -12.37
N ALA A 24 -7.49 -11.79 -12.04
CA ALA A 24 -6.43 -11.80 -13.05
C ALA A 24 -6.40 -13.16 -13.76
N VAL A 25 -6.28 -13.12 -15.07
CA VAL A 25 -6.30 -14.35 -15.84
C VAL A 25 -4.91 -15.01 -15.90
N ASP A 26 -3.88 -14.31 -15.45
CA ASP A 26 -2.57 -14.94 -15.26
C ASP A 26 -2.00 -14.53 -13.91
N GLY A 27 -2.74 -14.84 -12.84
CA GLY A 27 -2.38 -14.46 -11.49
C GLY A 27 -0.95 -14.74 -11.04
N GLY A 28 -0.50 -15.98 -11.23
CA GLY A 28 0.86 -16.35 -10.87
C GLY A 28 0.94 -17.09 -9.54
N GLU A 29 2.13 -17.13 -8.96
CA GLU A 29 2.34 -17.82 -7.69
C GLU A 29 2.77 -16.82 -6.63
N THR A 30 2.34 -17.06 -5.39
CA THR A 30 2.73 -16.21 -4.27
C THR A 30 3.15 -17.03 -3.06
N ARG A 31 4.09 -16.49 -2.30
CA ARG A 31 4.52 -17.10 -1.03
C ARG A 31 3.32 -17.17 -0.09
N PHE A 32 2.66 -16.04 0.10
CA PHE A 32 1.76 -15.85 1.24
C PHE A 32 0.45 -16.63 1.12
N ASP A 33 -0.07 -17.03 2.28
CA ASP A 33 -1.32 -17.77 2.35
C ASP A 33 -2.49 -16.83 2.15
N GLY A 34 -2.25 -15.55 2.40
CA GLY A 34 -3.27 -14.52 2.24
C GLY A 34 -2.65 -13.14 2.42
N GLN A 35 -3.39 -12.11 2.04
CA GLN A 35 -2.88 -10.74 2.16
C GLN A 35 -3.98 -9.72 2.38
N ILE A 36 -3.63 -8.66 3.09
CA ILE A 36 -4.49 -7.49 3.21
C ILE A 36 -3.90 -6.36 2.38
N ILE A 37 -4.70 -5.85 1.45
CA ILE A 37 -4.31 -4.70 0.65
C ILE A 37 -4.99 -3.46 1.22
N VAL A 38 -4.20 -2.53 1.72
CA VAL A 38 -4.73 -1.34 2.39
C VAL A 38 -4.64 -0.11 1.50
N GLN A 39 -5.80 0.35 1.04
CA GLN A 39 -5.87 1.60 0.28
C GLN A 39 -5.94 2.76 1.27
N MET A 40 -4.94 3.64 1.23
CA MET A 40 -4.78 4.65 2.28
C MET A 40 -5.31 6.04 1.93
N GLU A 41 -5.78 6.23 0.70
CA GLU A 41 -6.39 7.50 0.32
C GLU A 41 -7.44 7.33 -0.76
N ASN A 42 -8.39 8.26 -0.78
CA ASN A 42 -9.44 8.26 -1.79
C ASN A 42 -8.93 8.83 -3.11
N ASP A 43 -8.25 8.00 -3.87
CA ASP A 43 -7.64 8.41 -5.12
C ASP A 43 -7.87 7.35 -6.19
N ALA A 44 -8.26 7.78 -7.38
CA ALA A 44 -8.64 6.87 -8.45
C ALA A 44 -7.50 5.92 -8.85
N VAL A 45 -6.28 6.43 -8.88
CA VAL A 45 -5.14 5.61 -9.22
C VAL A 45 -4.89 4.55 -8.13
N ALA A 46 -4.98 4.99 -6.88
CA ALA A 46 -4.75 4.08 -5.75
C ALA A 46 -5.85 3.02 -5.66
N ALA A 47 -7.09 3.44 -5.86
CA ALA A 47 -8.24 2.53 -5.79
C ALA A 47 -8.12 1.42 -6.83
N LYS A 48 -7.70 1.80 -8.04
CA LYS A 48 -7.56 0.84 -9.13
C LYS A 48 -6.35 -0.06 -8.95
N ALA A 49 -5.24 0.52 -8.48
CA ALA A 49 -4.03 -0.24 -8.23
C ALA A 49 -4.29 -1.27 -7.12
N ALA A 50 -5.05 -0.87 -6.11
CA ALA A 50 -5.39 -1.80 -5.02
C ALA A 50 -6.24 -2.96 -5.55
N ALA A 51 -7.21 -2.64 -6.38
CA ALA A 51 -8.06 -3.66 -6.99
C ALA A 51 -7.27 -4.59 -7.91
N ASN A 52 -6.28 -4.03 -8.62
CA ASN A 52 -5.43 -4.83 -9.48
C ASN A 52 -4.58 -5.84 -8.71
N LEU A 53 -4.09 -5.43 -7.55
CA LEU A 53 -3.31 -6.32 -6.70
C LEU A 53 -4.17 -7.48 -6.22
N ALA A 54 -5.40 -7.19 -5.84
CA ALA A 54 -6.32 -8.21 -5.35
C ALA A 54 -6.69 -9.18 -6.46
N GLY A 55 -6.77 -8.65 -7.69
CA GLY A 55 -7.10 -9.46 -8.84
C GLY A 55 -6.09 -10.56 -9.10
N LYS A 56 -4.83 -10.29 -8.76
CA LYS A 56 -3.75 -11.26 -8.97
C LYS A 56 -3.95 -12.51 -8.12
N HIS A 57 -4.52 -12.31 -6.93
CA HIS A 57 -4.80 -13.43 -6.04
C HIS A 57 -6.18 -13.27 -5.43
N PRO A 58 -7.22 -13.46 -6.25
CA PRO A 58 -8.61 -13.13 -5.90
C PRO A 58 -9.18 -13.95 -4.76
N GLU A 59 -8.64 -15.15 -4.53
CA GLU A 59 -9.21 -16.05 -3.54
C GLU A 59 -8.65 -15.83 -2.14
N SER A 60 -7.53 -15.14 -2.04
CA SER A 60 -6.85 -15.01 -0.76
C SER A 60 -6.51 -13.56 -0.40
N SER A 61 -7.08 -12.62 -1.13
CA SER A 61 -6.79 -11.21 -0.89
C SER A 61 -7.98 -10.48 -0.27
N VAL A 62 -7.67 -9.57 0.64
CA VAL A 62 -8.68 -8.68 1.22
C VAL A 62 -8.27 -7.24 0.97
N VAL A 63 -9.18 -6.44 0.41
CA VAL A 63 -8.90 -5.03 0.19
C VAL A 63 -9.62 -4.19 1.24
N VAL A 64 -8.85 -3.37 1.94
CA VAL A 64 -9.41 -2.53 2.99
C VAL A 64 -9.09 -1.07 2.72
N GLN A 65 -10.12 -0.23 2.78
CA GLN A 65 -9.91 1.21 2.72
C GLN A 65 -9.84 1.73 4.15
N LEU A 66 -8.82 2.52 4.44
CA LEU A 66 -8.55 2.96 5.81
C LEU A 66 -8.26 4.46 5.86
N ASP A 67 -9.04 5.21 6.65
CA ASP A 67 -8.85 6.65 6.74
C ASP A 67 -7.99 7.05 7.94
N SER A 68 -7.81 8.36 8.11
CA SER A 68 -6.92 8.90 9.14
C SER A 68 -7.45 8.70 10.55
N ASP A 69 -8.77 8.53 10.68
CA ASP A 69 -9.38 8.38 12.00
C ASP A 69 -9.31 6.93 12.49
N GLY A 70 -8.85 6.03 11.63
CA GLY A 70 -8.76 4.62 11.99
C GLY A 70 -9.96 3.82 11.56
N ASN A 71 -10.92 4.49 10.94
CA ASN A 71 -12.11 3.80 10.42
C ASN A 71 -11.80 3.11 9.09
N TYR A 72 -12.41 1.95 8.89
CA TYR A 72 -12.14 1.18 7.69
C TYR A 72 -13.40 0.54 7.12
N ARG A 73 -13.30 0.07 5.88
CA ARG A 73 -14.35 -0.76 5.31
C ARG A 73 -13.73 -1.80 4.37
N VAL A 74 -14.21 -3.02 4.47
CA VAL A 74 -13.73 -4.11 3.62
C VAL A 74 -14.46 -4.03 2.27
N VAL A 75 -13.72 -3.68 1.22
CA VAL A 75 -14.37 -3.51 -0.07
C VAL A 75 -14.16 -4.70 -1.00
N TYR A 76 -13.41 -5.69 -0.52
CA TYR A 76 -13.24 -6.94 -1.26
C TYR A 76 -12.66 -8.05 -0.39
N GLY A 77 -13.18 -9.25 -0.56
CA GLY A 77 -12.58 -10.43 0.04
C GLY A 77 -13.20 -10.90 1.35
N ASP A 78 -12.65 -11.98 1.89
CA ASP A 78 -13.17 -12.61 3.09
C ASP A 78 -12.08 -12.70 4.16
N PRO A 79 -12.08 -11.73 5.09
CA PRO A 79 -11.10 -11.63 6.19
C PRO A 79 -11.04 -12.88 7.08
N SER A 80 -12.15 -13.62 7.15
CA SER A 80 -12.21 -14.80 8.00
C SER A 80 -11.28 -15.91 7.52
N LYS A 81 -10.86 -15.82 6.26
CA LYS A 81 -9.94 -16.80 5.68
C LYS A 81 -8.48 -16.44 6.00
N LEU A 82 -8.27 -15.22 6.48
CA LEU A 82 -6.94 -14.80 6.90
C LEU A 82 -6.55 -15.48 8.21
N ASP A 83 -5.39 -16.13 8.22
CA ASP A 83 -4.92 -16.80 9.42
C ASP A 83 -3.40 -16.93 9.41
N GLY A 84 -2.79 -16.78 10.59
CA GLY A 84 -1.35 -16.89 10.73
C GLY A 84 -0.61 -15.70 10.15
N LYS A 85 0.54 -15.97 9.55
CA LYS A 85 1.40 -14.92 9.01
C LYS A 85 1.01 -14.59 7.56
N ILE A 86 0.71 -13.32 7.31
CA ILE A 86 0.24 -12.87 6.01
C ILE A 86 1.05 -11.67 5.51
N ARG A 87 0.73 -11.22 4.29
CA ARG A 87 1.35 -10.02 3.73
C ARG A 87 0.39 -8.83 3.81
N TRP A 88 0.93 -7.64 4.04
CA TRP A 88 0.19 -6.41 3.82
C TRP A 88 0.75 -5.67 2.62
N GLN A 89 -0.13 -5.06 1.85
CA GLN A 89 0.32 -4.14 0.81
C GLN A 89 -0.35 -2.79 1.05
N LEU A 90 0.47 -1.75 1.16
CA LEU A 90 -0.05 -0.40 1.37
C LEU A 90 -0.04 0.36 0.06
N VAL A 91 -1.19 0.89 -0.32
CA VAL A 91 -1.34 1.57 -1.61
C VAL A 91 -1.72 3.04 -1.42
N GLY A 92 -0.86 3.93 -1.91
CA GLY A 92 -1.14 5.36 -1.87
C GLY A 92 -0.12 6.15 -2.65
N HIS A 93 -0.23 7.47 -2.62
CA HIS A 93 0.73 8.33 -3.30
C HIS A 93 1.80 8.85 -2.35
N GLY A 94 3.06 8.76 -2.79
CA GLY A 94 4.15 9.37 -2.06
C GLY A 94 4.22 10.84 -2.41
N ARG A 95 4.51 11.69 -1.42
CA ARG A 95 4.60 13.12 -1.65
C ARG A 95 5.76 13.73 -0.87
N ASP A 96 6.52 14.59 -1.54
CA ASP A 96 7.55 15.37 -0.87
C ASP A 96 6.95 16.71 -0.48
N HIS A 97 7.09 17.08 0.79
CA HIS A 97 6.50 18.31 1.27
C HIS A 97 7.58 19.33 1.65
N SER A 98 7.32 20.57 1.26
CA SER A 98 8.31 21.65 1.16
C SER A 98 9.41 21.73 2.22
N GLU A 99 9.02 21.86 3.49
CA GLU A 99 9.97 22.27 4.53
C GLU A 99 10.72 21.10 5.17
N SER A 100 10.67 19.93 4.55
CA SER A 100 11.40 18.79 5.11
C SER A 100 12.08 17.92 4.05
N ASN A 101 13.19 17.32 4.45
CA ASN A 101 13.88 16.29 3.67
C ASN A 101 12.88 15.21 3.27
N ASN A 102 12.19 14.69 4.27
CA ASN A 102 11.42 13.46 4.14
C ASN A 102 10.30 13.47 3.10
N THR A 103 9.70 12.30 2.93
CA THR A 103 8.55 12.13 2.05
C THR A 103 7.39 11.60 2.90
N ARG A 104 6.17 11.76 2.39
CA ARG A 104 5.00 11.26 3.10
C ARG A 104 4.11 10.42 2.21
N LEU A 105 3.60 9.33 2.78
CA LEU A 105 2.73 8.42 2.05
C LEU A 105 1.28 8.63 2.45
N SER A 106 0.45 9.02 1.48
CA SER A 106 -0.96 9.30 1.71
C SER A 106 -1.19 10.25 2.87
N GLY A 107 -0.28 11.20 3.06
CA GLY A 107 -0.44 12.22 4.08
C GLY A 107 0.32 11.98 5.36
N TYR A 108 0.89 10.78 5.49
CA TYR A 108 1.52 10.39 6.74
C TYR A 108 3.04 10.30 6.64
N SER A 109 3.72 10.75 7.69
CA SER A 109 5.13 10.44 7.86
C SER A 109 5.23 8.97 8.22
N ALA A 110 6.44 8.40 8.15
CA ALA A 110 6.62 6.99 8.43
C ALA A 110 6.20 6.63 9.86
N ASP A 111 6.50 7.53 10.80
CA ASP A 111 6.16 7.30 12.20
C ASP A 111 4.65 7.36 12.42
N GLU A 112 4.00 8.33 11.79
CA GLU A 112 2.55 8.47 11.91
C GLU A 112 1.85 7.27 11.28
N LEU A 113 2.40 6.78 10.18
CA LEU A 113 1.84 5.63 9.48
C LEU A 113 1.94 4.37 10.34
N ALA A 114 3.08 4.21 11.00
CA ALA A 114 3.33 3.06 11.85
C ALA A 114 2.36 3.02 13.04
N VAL A 115 2.12 4.17 13.63
CA VAL A 115 1.17 4.29 14.74
C VAL A 115 -0.23 3.87 14.30
N LYS A 116 -0.64 4.33 13.12
CA LYS A 116 -1.99 4.04 12.62
C LYS A 116 -2.16 2.58 12.23
N LEU A 117 -1.12 1.99 11.64
CA LEU A 117 -1.17 0.60 11.24
C LEU A 117 -1.13 -0.34 12.45
N ALA A 118 -0.35 0.02 13.46
CA ALA A 118 -0.31 -0.76 14.69
C ALA A 118 -1.68 -0.76 15.36
N SER A 119 -2.35 0.39 15.28
CA SER A 119 -3.71 0.51 15.79
C SER A 119 -4.68 -0.29 14.93
N PHE A 120 -4.48 -0.25 13.61
CA PHE A 120 -5.32 -1.00 12.69
C PHE A 120 -5.18 -2.50 12.90
N GLN A 121 -3.95 -2.94 13.13
CA GLN A 121 -3.68 -4.35 13.41
C GLN A 121 -4.50 -4.86 14.60
N GLN A 122 -4.52 -4.07 15.67
CA GLN A 122 -5.29 -4.44 16.86
C GLN A 122 -6.79 -4.45 16.57
N MET A 123 -7.29 -3.34 16.05
CA MET A 123 -8.72 -3.18 15.80
C MET A 123 -9.27 -4.18 14.79
N PHE A 124 -8.56 -4.38 13.68
CA PHE A 124 -9.06 -5.21 12.59
C PHE A 124 -9.21 -6.67 12.98
N ASN A 125 -8.21 -7.21 13.68
CA ASN A 125 -8.26 -8.61 14.09
C ASN A 125 -9.34 -8.89 15.11
N GLN A 126 -9.55 -7.95 16.02
CA GLN A 126 -10.56 -8.13 17.06
C GLN A 126 -11.96 -7.98 16.48
N ALA A 127 -12.16 -6.97 15.65
CA ALA A 127 -13.46 -6.74 15.03
C ALA A 127 -13.85 -7.89 14.11
N GLU A 128 -12.90 -8.39 13.33
CA GLU A 128 -13.17 -9.46 12.38
C GLU A 128 -13.00 -10.84 13.00
N LYS A 129 -12.70 -10.86 14.29
CA LYS A 129 -12.55 -12.11 15.05
C LYS A 129 -11.54 -13.06 14.41
N ILE A 130 -10.37 -12.53 14.05
CA ILE A 130 -9.32 -13.35 13.46
C ILE A 130 -7.99 -13.14 14.18
N SER A 131 -7.08 -14.08 14.00
CA SER A 131 -5.74 -13.97 14.58
C SER A 131 -4.69 -13.95 13.47
N SER A 132 -4.38 -12.74 12.99
CA SER A 132 -3.40 -12.60 11.92
C SER A 132 -2.47 -11.42 12.19
N LYS A 133 -1.23 -11.55 11.74
CA LYS A 133 -0.27 -10.45 11.80
C LYS A 133 0.59 -10.47 10.54
N PRO A 134 0.98 -9.29 10.05
CA PRO A 134 1.78 -9.23 8.83
C PRO A 134 3.18 -9.79 9.02
N ASP A 135 3.66 -10.53 8.03
CA ASP A 135 5.02 -11.04 8.03
C ASP A 135 5.88 -10.15 7.14
N HIS A 136 5.22 -9.50 6.18
CA HIS A 136 5.87 -8.60 5.25
C HIS A 136 4.91 -7.49 4.85
N ILE A 137 5.42 -6.27 4.75
CA ILE A 137 4.61 -5.16 4.28
C ILE A 137 5.19 -4.56 3.01
N SER A 138 4.40 -4.57 1.95
CA SER A 138 4.83 -3.98 0.68
C SER A 138 4.25 -2.58 0.52
N ILE A 139 5.11 -1.59 0.36
CA ILE A 139 4.65 -0.24 0.06
C ILE A 139 4.58 -0.07 -1.45
N VAL A 140 3.39 0.25 -1.94
CA VAL A 140 3.15 0.40 -3.37
C VAL A 140 2.79 1.84 -3.70
N GLY A 141 3.79 2.62 -4.11
CA GLY A 141 3.58 4.02 -4.42
C GLY A 141 2.92 4.20 -5.77
N CYS A 142 1.90 5.05 -5.84
CA CYS A 142 1.17 5.22 -7.09
C CYS A 142 1.70 6.38 -7.95
N SER A 143 2.68 7.10 -7.42
CA SER A 143 3.36 8.15 -8.16
C SER A 143 4.86 7.89 -8.21
N LEU A 144 5.49 8.22 -9.31
CA LEU A 144 6.93 8.06 -9.45
C LEU A 144 7.68 8.93 -8.45
N VAL A 145 8.56 8.30 -7.68
CA VAL A 145 9.47 9.00 -6.80
C VAL A 145 10.85 8.39 -6.96
N SER A 146 11.89 9.18 -6.73
CA SER A 146 13.26 8.72 -6.92
C SER A 146 13.60 7.53 -6.01
N ASP A 147 14.57 6.74 -6.45
CA ASP A 147 15.04 5.57 -5.71
C ASP A 147 15.42 5.89 -4.26
N ASP A 148 16.11 7.01 -4.07
CA ASP A 148 16.64 7.35 -2.75
C ASP A 148 15.54 7.74 -1.76
N LYS A 149 14.56 8.51 -2.21
CA LYS A 149 13.45 8.88 -1.33
C LYS A 149 12.56 7.68 -1.04
N GLN A 150 12.50 6.74 -1.97
CA GLN A 150 11.84 5.45 -1.75
C GLN A 150 12.55 4.69 -0.63
N LYS A 151 13.87 4.61 -0.72
CA LYS A 151 14.67 3.91 0.27
C LYS A 151 14.58 4.60 1.64
N GLY A 152 14.60 5.93 1.62
CA GLY A 152 14.53 6.70 2.85
C GLY A 152 13.28 6.45 3.68
N PHE A 153 12.13 6.46 3.01
CA PHE A 153 10.87 6.21 3.71
C PHE A 153 10.82 4.77 4.22
N GLY A 154 11.27 3.84 3.40
CA GLY A 154 11.29 2.43 3.77
C GLY A 154 12.06 2.16 5.04
N HIS A 155 13.23 2.78 5.18
CA HIS A 155 14.05 2.61 6.36
C HIS A 155 13.39 3.21 7.59
N GLN A 156 12.79 4.38 7.42
CA GLN A 156 12.08 5.04 8.51
C GLN A 156 10.89 4.18 8.94
N PHE A 157 10.16 3.65 7.96
CA PHE A 157 8.96 2.88 8.23
C PHE A 157 9.22 1.57 8.94
N ILE A 158 10.24 0.84 8.49
CA ILE A 158 10.53 -0.48 9.08
C ILE A 158 10.99 -0.35 10.53
N ASN A 159 11.68 0.75 10.84
CA ASN A 159 12.11 1.02 12.21
C ASN A 159 10.95 1.50 13.08
N ALA A 160 10.10 2.33 12.50
CA ALA A 160 8.95 2.87 13.21
C ALA A 160 7.94 1.76 13.53
N MET A 161 7.77 0.83 12.61
CA MET A 161 6.86 -0.30 12.83
C MET A 161 7.34 -1.16 13.99
N ASP A 162 8.65 -1.37 14.05
CA ASP A 162 9.25 -2.17 15.11
C ASP A 162 9.09 -1.50 16.47
N ALA A 163 9.16 -0.17 16.49
CA ALA A 163 8.99 0.58 17.73
C ALA A 163 7.54 0.55 18.20
N ASN A 164 6.63 0.16 17.31
CA ASN A 164 5.22 0.03 17.67
C ASN A 164 4.80 -1.43 17.84
N GLY A 165 5.77 -2.30 18.05
CA GLY A 165 5.49 -3.69 18.38
C GLY A 165 5.31 -4.63 17.19
N LEU A 166 5.61 -4.14 16.00
CA LEU A 166 5.48 -4.98 14.81
C LEU A 166 6.77 -5.05 14.00
N ARG A 167 7.53 -6.12 14.19
CA ARG A 167 8.72 -6.35 13.39
C ARG A 167 8.34 -7.08 12.10
N VAL A 168 8.48 -6.38 10.99
CA VAL A 168 8.12 -6.94 9.68
C VAL A 168 9.16 -6.56 8.63
N ASP A 169 9.30 -7.40 7.61
CA ASP A 169 10.11 -7.02 6.46
C ASP A 169 9.31 -6.02 5.64
N VAL A 170 10.01 -5.12 4.95
CA VAL A 170 9.37 -4.04 4.20
C VAL A 170 9.97 -3.91 2.81
N SER A 171 9.11 -3.84 1.79
CA SER A 171 9.56 -3.53 0.44
C SER A 171 8.91 -2.25 -0.04
N VAL A 172 9.58 -1.56 -0.96
CA VAL A 172 9.05 -0.32 -1.53
C VAL A 172 9.21 -0.33 -3.05
N ARG A 173 8.13 0.02 -3.75
CA ARG A 173 8.17 0.09 -5.21
C ARG A 173 7.12 1.07 -5.73
N SER A 174 7.19 1.35 -7.03
CA SER A 174 6.22 2.21 -7.69
C SER A 174 5.30 1.37 -8.58
N ALA A 175 4.01 1.66 -8.56
CA ALA A 175 3.04 0.87 -9.33
C ALA A 175 2.90 1.37 -10.76
N LYS A 176 2.65 0.44 -11.67
CA LYS A 176 2.31 0.76 -13.05
C LYS A 176 0.81 0.57 -13.26
N VAL A 177 0.25 1.36 -14.17
CA VAL A 177 -1.16 1.30 -14.50
C VAL A 177 -1.34 1.02 -15.98
N TYR A 178 -2.17 0.04 -16.32
CA TYR A 178 -2.36 -0.26 -17.74
C TYR A 178 -3.23 0.82 -18.38
N ILE A 179 -2.67 1.50 -19.38
CA ILE A 179 -3.36 2.60 -20.04
C ILE A 179 -4.01 2.11 -21.33
N ASN A 180 -5.30 1.80 -21.23
CA ASN A 180 -6.04 1.17 -22.33
C ASN A 180 -5.85 1.79 -23.71
N GLU A 181 -5.95 3.12 -23.80
CA GLU A 181 -5.80 3.77 -25.12
C GLU A 181 -4.36 3.70 -25.65
N MET A 182 -3.39 3.51 -24.75
CA MET A 182 -1.99 3.37 -25.17
C MET A 182 -1.59 1.90 -25.24
N GLY A 183 -2.38 1.03 -24.62
CA GLY A 183 -2.11 -0.40 -24.62
C GLY A 183 -0.84 -0.78 -23.87
N ARG A 184 -0.48 0.03 -22.87
CA ARG A 184 0.75 -0.21 -22.12
C ARG A 184 0.59 0.09 -20.64
N LYS A 185 1.39 -0.58 -19.81
CA LYS A 185 1.44 -0.29 -18.38
C LYS A 185 2.47 0.79 -18.13
N LEU A 186 2.03 1.89 -17.55
CA LEU A 186 2.88 3.06 -17.38
C LEU A 186 2.80 3.61 -15.96
N TYR A 187 3.84 4.34 -15.57
CA TYR A 187 3.86 4.99 -14.26
C TYR A 187 3.25 6.39 -14.34
N PHE A 188 2.52 6.78 -13.30
CA PHE A 188 2.05 8.16 -13.17
C PHE A 188 3.18 9.00 -12.57
N ASP A 189 3.46 10.16 -13.17
CA ASP A 189 4.60 10.96 -12.72
C ASP A 189 4.24 11.86 -11.53
N GLY A 190 3.02 11.71 -11.02
CA GLY A 190 2.59 12.47 -9.86
C GLY A 190 1.93 13.80 -10.20
N LYS A 191 2.00 14.20 -11.46
CA LYS A 191 1.48 15.50 -11.87
C LYS A 191 0.40 15.39 -12.95
N ASP A 192 0.79 15.06 -14.17
CA ASP A 192 -0.13 15.09 -15.29
C ASP A 192 0.24 14.20 -16.47
N SER A 193 1.18 13.28 -16.27
CA SER A 193 1.68 12.48 -17.39
C SER A 193 1.98 11.03 -17.04
N TRP A 194 1.89 10.17 -18.05
CA TRP A 194 2.32 8.79 -17.90
C TRP A 194 3.77 8.67 -18.32
N VAL A 195 4.52 7.81 -17.63
CA VAL A 195 5.94 7.65 -17.90
C VAL A 195 6.27 6.20 -18.20
N ASN A 196 6.90 5.96 -19.35
CA ASN A 196 7.40 4.63 -19.69
C ASN A 196 8.84 4.48 -19.23
N LYS A 197 9.05 3.61 -18.25
CA LYS A 197 10.40 3.31 -17.79
C LYS A 197 10.80 1.92 -18.23
N ALA A 198 11.97 1.82 -18.85
CA ALA A 198 12.47 0.52 -19.29
C ALA A 198 12.73 -0.39 -18.09
N ILE A 199 13.20 0.18 -16.99
CA ILE A 199 13.61 -0.62 -15.83
C ILE A 199 12.86 -0.23 -14.56
N ASN A 200 12.33 -1.24 -13.88
CA ASN A 200 11.65 -1.04 -12.62
C ASN A 200 12.58 -1.28 -11.43
N SER A 201 12.51 -0.39 -10.44
CA SER A 201 13.35 -0.50 -9.25
C SER A 201 12.53 -0.84 -8.01
N LYS A 202 13.05 -1.77 -7.22
CA LYS A 202 12.36 -2.20 -6.01
C LYS A 202 13.37 -2.44 -4.89
N VAL A 203 13.12 -1.87 -3.72
CA VAL A 203 14.03 -2.08 -2.59
C VAL A 203 13.38 -2.99 -1.55
N LEU A 204 14.15 -3.97 -1.08
CA LEU A 204 13.64 -4.91 -0.09
C LEU A 204 14.45 -4.87 1.20
N LEU A 205 13.78 -4.52 2.30
CA LEU A 205 14.43 -4.46 3.60
C LEU A 205 13.95 -5.60 4.49
N SER A 206 14.89 -6.31 5.10
CA SER A 206 14.54 -7.46 5.93
C SER A 206 15.36 -7.52 7.22
N TRP A 207 14.74 -8.00 8.28
CA TRP A 207 15.42 -8.16 9.56
C TRP A 207 16.33 -9.38 9.52
N ASN A 208 17.55 -9.20 9.98
CA ASN A 208 18.54 -10.28 10.00
C ASN A 208 18.38 -11.18 11.23
N GLY A 209 18.01 -10.58 12.35
CA GLY A 209 17.85 -11.32 13.59
C GLY A 209 19.15 -11.94 14.10
N GLN A 210 20.27 -11.30 13.76
CA GLN A 210 21.59 -11.80 14.17
C GLN A 210 22.13 -11.07 15.39
#